data_6BXX
# 
_entry.id   6BXX 
# 
_audit_conform.dict_name       mmcif_pdbx.dic 
_audit_conform.dict_version    5.387 
_audit_conform.dict_location   http://mmcif.pdb.org/dictionaries/ascii/mmcif_pdbx.dic 
# 
loop_
_database_2.database_id 
_database_2.database_code 
_database_2.pdbx_database_accession 
_database_2.pdbx_DOI 
PDB   6BXX         pdb_00006bxx 10.2210/pdb6bxx/pdb 
WWPDB D_1000231764 ?            ?                   
# 
loop_
_pdbx_audit_revision_history.ordinal 
_pdbx_audit_revision_history.data_content_type 
_pdbx_audit_revision_history.major_revision 
_pdbx_audit_revision_history.minor_revision 
_pdbx_audit_revision_history.revision_date 
1 'Structure model' 1 0 2018-04-04 
2 'Structure model' 1 1 2019-11-06 
3 'Structure model' 1 2 2019-11-20 
4 'Structure model' 1 3 2024-03-13 
# 
_pdbx_audit_revision_details.ordinal             1 
_pdbx_audit_revision_details.revision_ordinal    1 
_pdbx_audit_revision_details.data_content_type   'Structure model' 
_pdbx_audit_revision_details.provider            repository 
_pdbx_audit_revision_details.type                'Initial release' 
_pdbx_audit_revision_details.description         ? 
_pdbx_audit_revision_details.details             ? 
# 
loop_
_pdbx_audit_revision_group.ordinal 
_pdbx_audit_revision_group.revision_ordinal 
_pdbx_audit_revision_group.data_content_type 
_pdbx_audit_revision_group.group 
1 2 'Structure model' 'Author supporting evidence' 
2 2 'Structure model' 'Data collection'            
3 3 'Structure model' 'Author supporting evidence' 
4 4 'Structure model' 'Data collection'            
5 4 'Structure model' 'Database references'        
# 
loop_
_pdbx_audit_revision_category.ordinal 
_pdbx_audit_revision_category.revision_ordinal 
_pdbx_audit_revision_category.data_content_type 
_pdbx_audit_revision_category.category 
1 2 'Structure model' pdbx_audit_support 
2 3 'Structure model' pdbx_audit_support 
3 4 'Structure model' chem_comp_atom     
4 4 'Structure model' chem_comp_bond     
5 4 'Structure model' database_2         
# 
loop_
_pdbx_audit_revision_item.ordinal 
_pdbx_audit_revision_item.revision_ordinal 
_pdbx_audit_revision_item.data_content_type 
_pdbx_audit_revision_item.item 
1 2 'Structure model' '_pdbx_audit_support.funding_organization' 
2 3 'Structure model' '_pdbx_audit_support.funding_organization' 
3 4 'Structure model' '_database_2.pdbx_DOI'                     
4 4 'Structure model' '_database_2.pdbx_database_accession'      
# 
_pdbx_database_status.status_code                     REL 
_pdbx_database_status.status_code_sf                  REL 
_pdbx_database_status.status_code_mr                  ? 
_pdbx_database_status.entry_id                        6BXX 
_pdbx_database_status.recvd_initial_deposition_date   2017-12-19 
_pdbx_database_status.SG_entry                        N 
_pdbx_database_status.deposit_site                    RCSB 
_pdbx_database_status.process_site                    RCSB 
_pdbx_database_status.status_code_cs                  ? 
_pdbx_database_status.methods_development_category    ? 
_pdbx_database_status.pdb_format_compatible           Y 
_pdbx_database_status.status_code_nmr_data            ? 
# 
loop_
_audit_author.name 
_audit_author.pdbx_ordinal 
_audit_author.identifier_ORCID 
'Hughes, M.P.'    1 ? 
'Rodriguez, J.A.' 2 ? 
'Sawaya, M.R.'    3 ? 
'Cascio, D.'      4 ? 
'Gonen, T.'       5 ? 
'Eisenberg, D.S.' 6 ? 
# 
_citation.abstract                  ? 
_citation.abstract_id_CAS           ? 
_citation.book_id_ISBN              ? 
_citation.book_publisher            ? 
_citation.book_publisher_city       ? 
_citation.book_title                ? 
_citation.coordinate_linkage        ? 
_citation.country                   US 
_citation.database_id_Medline       ? 
_citation.details                   ? 
_citation.id                        primary 
_citation.journal_abbrev            Science 
_citation.journal_id_ASTM           SCIEAS 
_citation.journal_id_CSD            0038 
_citation.journal_id_ISSN           1095-9203 
_citation.journal_full              ? 
_citation.journal_issue             ? 
_citation.journal_volume            359 
_citation.language                  ? 
_citation.page_first                698 
_citation.page_last                 701 
_citation.title                     
'Atomic structures of low-complexity protein segments reveal kinked beta sheets that assemble networks.' 
_citation.year                      2018 
_citation.database_id_CSD           ? 
_citation.pdbx_database_id_DOI      10.1126/science.aan6398 
_citation.pdbx_database_id_PubMed   29439243 
_citation.unpublished_flag          ? 
# 
loop_
_citation_author.citation_id 
_citation_author.name 
_citation_author.ordinal 
_citation_author.identifier_ORCID 
primary 'Hughes, M.P.'    1 ? 
primary 'Sawaya, M.R.'    2 ? 
primary 'Boyer, D.R.'     3 ? 
primary 'Goldschmidt, L.' 4 ? 
primary 'Rodriguez, J.A.' 5 ? 
primary 'Cascio, D.'      6 ? 
primary 'Chong, L.'       7 ? 
primary 'Gonen, T.'       8 ? 
primary 'Eisenberg, D.S.' 9 ? 
# 
loop_
_entity.id 
_entity.type 
_entity.src_method 
_entity.pdbx_description 
_entity.formula_weight 
_entity.pdbx_number_of_molecules 
_entity.pdbx_ec 
_entity.pdbx_mutation 
_entity.pdbx_fragment 
_entity.details 
1 polymer syn hnRNPA1 613.621 1 ? ? 'residues 243-248' ? 
2 water   nat water   18.015  4 ? ? ?                  ? 
# 
_entity_poly.entity_id                      1 
_entity_poly.type                           'polypeptide(L)' 
_entity_poly.nstd_linkage                   no 
_entity_poly.nstd_monomer                   no 
_entity_poly.pdbx_seq_one_letter_code       GYNGFG 
_entity_poly.pdbx_seq_one_letter_code_can   GYNGFG 
_entity_poly.pdbx_strand_id                 A 
_entity_poly.pdbx_target_identifier         ? 
# 
_pdbx_entity_nonpoly.entity_id   2 
_pdbx_entity_nonpoly.name        water 
_pdbx_entity_nonpoly.comp_id     HOH 
# 
loop_
_entity_poly_seq.entity_id 
_entity_poly_seq.num 
_entity_poly_seq.mon_id 
_entity_poly_seq.hetero 
1 1 GLY n 
1 2 TYR n 
1 3 ASN n 
1 4 GLY n 
1 5 PHE n 
1 6 GLY n 
# 
_pdbx_entity_src_syn.entity_id              1 
_pdbx_entity_src_syn.pdbx_src_id            1 
_pdbx_entity_src_syn.pdbx_alt_source_flag   sample 
_pdbx_entity_src_syn.pdbx_beg_seq_num       1 
_pdbx_entity_src_syn.pdbx_end_seq_num       6 
_pdbx_entity_src_syn.organism_scientific    'Homo sapiens' 
_pdbx_entity_src_syn.organism_common_name   ? 
_pdbx_entity_src_syn.ncbi_taxonomy_id       9606 
_pdbx_entity_src_syn.details                'Synthetic peptide GYNGFG corresponding tosegment 243-248 of hnRNPA1' 
# 
loop_
_chem_comp.id 
_chem_comp.type 
_chem_comp.mon_nstd_flag 
_chem_comp.name 
_chem_comp.pdbx_synonyms 
_chem_comp.formula 
_chem_comp.formula_weight 
ASN 'L-peptide linking' y ASPARAGINE    ? 'C4 H8 N2 O3' 132.118 
GLY 'peptide linking'   y GLYCINE       ? 'C2 H5 N O2'  75.067  
HOH non-polymer         . WATER         ? 'H2 O'        18.015  
PHE 'L-peptide linking' y PHENYLALANINE ? 'C9 H11 N O2' 165.189 
TYR 'L-peptide linking' y TYROSINE      ? 'C9 H11 N O3' 181.189 
# 
loop_
_pdbx_poly_seq_scheme.asym_id 
_pdbx_poly_seq_scheme.entity_id 
_pdbx_poly_seq_scheme.seq_id 
_pdbx_poly_seq_scheme.mon_id 
_pdbx_poly_seq_scheme.ndb_seq_num 
_pdbx_poly_seq_scheme.pdb_seq_num 
_pdbx_poly_seq_scheme.auth_seq_num 
_pdbx_poly_seq_scheme.pdb_mon_id 
_pdbx_poly_seq_scheme.auth_mon_id 
_pdbx_poly_seq_scheme.pdb_strand_id 
_pdbx_poly_seq_scheme.pdb_ins_code 
_pdbx_poly_seq_scheme.hetero 
A 1 1 GLY 1 1 1 GLY GLY A . n 
A 1 2 TYR 2 2 2 TYR TYR A . n 
A 1 3 ASN 3 3 3 ASN ASN A . n 
A 1 4 GLY 4 4 4 GLY GLY A . n 
A 1 5 PHE 5 5 5 PHE PHE A . n 
A 1 6 GLY 6 6 6 GLY GLY A . n 
# 
loop_
_pdbx_nonpoly_scheme.asym_id 
_pdbx_nonpoly_scheme.entity_id 
_pdbx_nonpoly_scheme.mon_id 
_pdbx_nonpoly_scheme.ndb_seq_num 
_pdbx_nonpoly_scheme.pdb_seq_num 
_pdbx_nonpoly_scheme.auth_seq_num 
_pdbx_nonpoly_scheme.pdb_mon_id 
_pdbx_nonpoly_scheme.auth_mon_id 
_pdbx_nonpoly_scheme.pdb_strand_id 
_pdbx_nonpoly_scheme.pdb_ins_code 
B 2 HOH 1 101 3 HOH HOH A . 
B 2 HOH 2 102 2 HOH HOH A . 
B 2 HOH 3 103 4 HOH HOH A . 
B 2 HOH 4 104 1 HOH HOH A . 
# 
loop_
_software.citation_id 
_software.classification 
_software.compiler_name 
_software.compiler_version 
_software.contact_author 
_software.contact_author_email 
_software.date 
_software.description 
_software.dependencies 
_software.hardware 
_software.language 
_software.location 
_software.mods 
_software.name 
_software.os 
_software.os_version 
_software.type 
_software.version 
_software.pdbx_ordinal 
? 'data scaling'    ? ? ? ? ? ? ? ? ? ? ? SCALEPACK   ? ? ? .        1 
? refinement        ? ? ? ? ? ? ? ? ? ? ? PHENIX      ? ? ? 1.9_1692 2 
? 'data extraction' ? ? ? ? ? ? ? ? ? ? ? PDB_EXTRACT ? ? ? 3.24     3 
? 'data reduction'  ? ? ? ? ? ? ? ? ? ? ? DENZO       ? ? ? .        4 
? phasing           ? ? ? ? ? ? ? ? ? ? ? SHELXD      ? ? ? .        5 
# 
_cell.angle_alpha                  90.000 
_cell.angle_alpha_esd              ? 
_cell.angle_beta                   90.000 
_cell.angle_beta_esd               ? 
_cell.angle_gamma                  90.000 
_cell.angle_gamma_esd              ? 
_cell.entry_id                     6BXX 
_cell.details                      ? 
_cell.formula_units_Z              ? 
_cell.length_a                     16.606 
_cell.length_a_esd                 ? 
_cell.length_b                     4.769 
_cell.length_b_esd                 ? 
_cell.length_c                     40.973 
_cell.length_c_esd                 ? 
_cell.volume                       ? 
_cell.volume_esd                   ? 
_cell.Z_PDB                        4 
_cell.reciprocal_angle_alpha       ? 
_cell.reciprocal_angle_beta        ? 
_cell.reciprocal_angle_gamma       ? 
_cell.reciprocal_angle_alpha_esd   ? 
_cell.reciprocal_angle_beta_esd    ? 
_cell.reciprocal_angle_gamma_esd   ? 
_cell.reciprocal_length_a          ? 
_cell.reciprocal_length_b          ? 
_cell.reciprocal_length_c          ? 
_cell.reciprocal_length_a_esd      ? 
_cell.reciprocal_length_b_esd      ? 
_cell.reciprocal_length_c_esd      ? 
_cell.pdbx_unique_axis             ? 
# 
_symmetry.entry_id                         6BXX 
_symmetry.cell_setting                     ? 
_symmetry.Int_Tables_number                19 
_symmetry.space_group_name_Hall            ? 
_symmetry.space_group_name_H-M             'P 21 21 21' 
_symmetry.pdbx_full_space_group_name_H-M   ? 
# 
_exptl.absorpt_coefficient_mu     ? 
_exptl.absorpt_correction_T_max   ? 
_exptl.absorpt_correction_T_min   ? 
_exptl.absorpt_correction_type    ? 
_exptl.absorpt_process_details    ? 
_exptl.entry_id                   6BXX 
_exptl.crystals_number            1 
_exptl.details                    ? 
_exptl.method                     'X-RAY DIFFRACTION' 
_exptl.method_details             ? 
# 
_exptl_crystal.colour                      ? 
_exptl_crystal.density_diffrn              ? 
_exptl_crystal.density_Matthews            ? 
_exptl_crystal.density_method              ? 
_exptl_crystal.density_percent_sol         ? 
_exptl_crystal.description                 ? 
_exptl_crystal.F_000                       ? 
_exptl_crystal.id                          1 
_exptl_crystal.preparation                 ? 
_exptl_crystal.size_max                    ? 
_exptl_crystal.size_mid                    ? 
_exptl_crystal.size_min                    ? 
_exptl_crystal.size_rad                    ? 
_exptl_crystal.colour_lustre               ? 
_exptl_crystal.colour_modifier             ? 
_exptl_crystal.colour_primary              ? 
_exptl_crystal.density_meas                ? 
_exptl_crystal.density_meas_esd            ? 
_exptl_crystal.density_meas_gt             ? 
_exptl_crystal.density_meas_lt             ? 
_exptl_crystal.density_meas_temp           ? 
_exptl_crystal.density_meas_temp_esd       ? 
_exptl_crystal.density_meas_temp_gt        ? 
_exptl_crystal.density_meas_temp_lt        ? 
_exptl_crystal.pdbx_crystal_image_url      ? 
_exptl_crystal.pdbx_crystal_image_format   ? 
_exptl_crystal.pdbx_mosaicity              0.800 
_exptl_crystal.pdbx_mosaicity_esd          ? 
# 
_exptl_crystal_grow.apparatus       ? 
_exptl_crystal_grow.atmosphere      ? 
_exptl_crystal_grow.crystal_id      1 
_exptl_crystal_grow.details         ? 
_exptl_crystal_grow.method          'VAPOR DIFFUSION, HANGING DROP' 
_exptl_crystal_grow.method_ref      ? 
_exptl_crystal_grow.pH              6.5 
_exptl_crystal_grow.pressure        ? 
_exptl_crystal_grow.pressure_esd    ? 
_exptl_crystal_grow.seeding         ? 
_exptl_crystal_grow.seeding_ref     ? 
_exptl_crystal_grow.temp            298 
_exptl_crystal_grow.temp_details    ? 
_exptl_crystal_grow.temp_esd        ? 
_exptl_crystal_grow.time            ? 
_exptl_crystal_grow.pdbx_details    '0.1M sodium cacodylate pH 6.5, 30% (v/v) MPD' 
_exptl_crystal_grow.pdbx_pH_range   ? 
# 
_diffrn.ambient_environment    ? 
_diffrn.ambient_temp           100 
_diffrn.ambient_temp_details   ? 
_diffrn.ambient_temp_esd       ? 
_diffrn.crystal_id             1 
_diffrn.crystal_support        ? 
_diffrn.crystal_treatment      ? 
_diffrn.details                ? 
_diffrn.id                     1 
_diffrn.ambient_pressure       ? 
_diffrn.ambient_pressure_esd   ? 
_diffrn.ambient_pressure_gt    ? 
_diffrn.ambient_pressure_lt    ? 
_diffrn.ambient_temp_gt        ? 
_diffrn.ambient_temp_lt        ? 
# 
_diffrn_detector.details                      ? 
_diffrn_detector.detector                     CCD 
_diffrn_detector.diffrn_id                    1 
_diffrn_detector.type                         'ADSC QUANTUM 315' 
_diffrn_detector.area_resol_mean              ? 
_diffrn_detector.dtime                        ? 
_diffrn_detector.pdbx_frames_total            ? 
_diffrn_detector.pdbx_collection_time_total   ? 
_diffrn_detector.pdbx_collection_date         2015-03-10 
# 
_diffrn_radiation.collimation                      ? 
_diffrn_radiation.diffrn_id                        1 
_diffrn_radiation.filter_edge                      ? 
_diffrn_radiation.inhomogeneity                    ? 
_diffrn_radiation.monochromator                    ? 
_diffrn_radiation.polarisn_norm                    ? 
_diffrn_radiation.polarisn_ratio                   ? 
_diffrn_radiation.probe                            ? 
_diffrn_radiation.type                             ? 
_diffrn_radiation.xray_symbol                      ? 
_diffrn_radiation.wavelength_id                    1 
_diffrn_radiation.pdbx_monochromatic_or_laue_m_l   M 
_diffrn_radiation.pdbx_wavelength_list             ? 
_diffrn_radiation.pdbx_wavelength                  ? 
_diffrn_radiation.pdbx_diffrn_protocol             'SINGLE WAVELENGTH' 
_diffrn_radiation.pdbx_analyzer                    ? 
_diffrn_radiation.pdbx_scattering_type             x-ray 
# 
_diffrn_radiation_wavelength.id           1 
_diffrn_radiation_wavelength.wavelength   0.9791 
_diffrn_radiation_wavelength.wt           1.0 
# 
_diffrn_source.current                     ? 
_diffrn_source.details                     ? 
_diffrn_source.diffrn_id                   1 
_diffrn_source.power                       ? 
_diffrn_source.size                        ? 
_diffrn_source.source                      SYNCHROTRON 
_diffrn_source.target                      ? 
_diffrn_source.type                        'APS BEAMLINE 24-ID-E' 
_diffrn_source.voltage                     ? 
_diffrn_source.take-off_angle              ? 
_diffrn_source.pdbx_wavelength_list        0.9791 
_diffrn_source.pdbx_wavelength             ? 
_diffrn_source.pdbx_synchrotron_beamline   24-ID-E 
_diffrn_source.pdbx_synchrotron_site       APS 
# 
_reflns.B_iso_Wilson_estimate            3.100 
_reflns.entry_id                         6BXX 
_reflns.data_reduction_details           ? 
_reflns.data_reduction_method            ? 
_reflns.d_resolution_high                1.100 
_reflns.d_resolution_low                 100.000 
_reflns.details                          ? 
_reflns.limit_h_max                      ? 
_reflns.limit_h_min                      ? 
_reflns.limit_k_max                      ? 
_reflns.limit_k_min                      ? 
_reflns.limit_l_max                      ? 
_reflns.limit_l_min                      ? 
_reflns.number_all                       ? 
_reflns.number_obs                       1269 
_reflns.observed_criterion               ? 
_reflns.observed_criterion_F_max         ? 
_reflns.observed_criterion_F_min         ? 
_reflns.observed_criterion_I_max         ? 
_reflns.observed_criterion_I_min         ? 
_reflns.observed_criterion_sigma_F       ? 
_reflns.observed_criterion_sigma_I       ? 
_reflns.percent_possible_obs             78.900 
_reflns.R_free_details                   ? 
_reflns.Rmerge_F_all                     ? 
_reflns.Rmerge_F_obs                     ? 
_reflns.Friedel_coverage                 ? 
_reflns.number_gt                        ? 
_reflns.threshold_expression             ? 
_reflns.pdbx_redundancy                  25.700 
_reflns.pdbx_Rmerge_I_obs                0.130 
_reflns.pdbx_Rmerge_I_all                ? 
_reflns.pdbx_Rsym_value                  ? 
_reflns.pdbx_netI_over_av_sigmaI         ? 
_reflns.pdbx_netI_over_sigmaI            8.400 
_reflns.pdbx_res_netI_over_av_sigmaI_2   ? 
_reflns.pdbx_res_netI_over_sigmaI_2      ? 
_reflns.pdbx_chi_squared                 1.091 
_reflns.pdbx_scaling_rejects             ? 
_reflns.pdbx_d_res_high_opt              ? 
_reflns.pdbx_d_res_low_opt               ? 
_reflns.pdbx_d_res_opt_method            ? 
_reflns.phase_calculation_details        ? 
_reflns.pdbx_Rrim_I_all                  ? 
_reflns.pdbx_Rpim_I_all                  ? 
_reflns.pdbx_d_opt                       ? 
_reflns.pdbx_number_measured_all         32560 
_reflns.pdbx_diffrn_id                   1 
_reflns.pdbx_ordinal                     1 
_reflns.pdbx_CC_half                     ? 
_reflns.pdbx_R_split                     ? 
# 
loop_
_reflns_shell.d_res_high 
_reflns_shell.d_res_low 
_reflns_shell.meanI_over_sigI_all 
_reflns_shell.meanI_over_sigI_obs 
_reflns_shell.number_measured_all 
_reflns_shell.number_measured_obs 
_reflns_shell.number_possible 
_reflns_shell.number_unique_all 
_reflns_shell.number_unique_obs 
_reflns_shell.percent_possible_all 
_reflns_shell.percent_possible_obs 
_reflns_shell.Rmerge_F_all 
_reflns_shell.Rmerge_F_obs 
_reflns_shell.Rmerge_I_all 
_reflns_shell.Rmerge_I_obs 
_reflns_shell.meanI_over_sigI_gt 
_reflns_shell.meanI_over_uI_all 
_reflns_shell.meanI_over_uI_gt 
_reflns_shell.number_measured_gt 
_reflns_shell.number_unique_gt 
_reflns_shell.percent_possible_gt 
_reflns_shell.Rmerge_F_gt 
_reflns_shell.Rmerge_I_gt 
_reflns_shell.pdbx_redundancy 
_reflns_shell.pdbx_Rsym_value 
_reflns_shell.pdbx_chi_squared 
_reflns_shell.pdbx_netI_over_sigmaI_all 
_reflns_shell.pdbx_netI_over_sigmaI_obs 
_reflns_shell.pdbx_Rrim_I_all 
_reflns_shell.pdbx_Rpim_I_all 
_reflns_shell.pdbx_rejects 
_reflns_shell.pdbx_ordinal 
_reflns_shell.pdbx_diffrn_id 
_reflns_shell.pdbx_CC_half 
_reflns_shell.pdbx_R_split 
1.100 1.140   ? ? ? ? ? ? 41  26.800 ? ? ? ? 0.248 ? ? ? ? ? ? ? ? 4.700  ? 0.948 ? ? ? ? ? 1  1 ? ? 
1.140 1.180   ? ? ? ? ? ? 62  38.500 ? ? ? ? 0.271 ? ? ? ? ? ? ? ? 10.700 ? 1.082 ? ? ? ? ? 2  1 ? ? 
1.180 1.240   ? ? ? ? ? ? 79  54.100 ? ? ? ? 0.197 ? ? ? ? ? ? ? ? 16.900 ? 1.200 ? ? ? ? ? 3  1 ? ? 
1.240 1.300   ? ? ? ? ? ? 118 83.700 ? ? ? ? 0.201 ? ? ? ? ? ? ? ? 22.700 ? 1.264 ? ? ? ? ? 4  1 ? ? 
1.300 1.390   ? ? ? ? ? ? 154 96.900 ? ? ? ? 0.200 ? ? ? ? ? ? ? ? 26.600 ? 1.028 ? ? ? ? ? 5  1 ? ? 
1.390 1.490   ? ? ? ? ? ? 153 99.400 ? ? ? ? 0.182 ? ? ? ? ? ? ? ? 31.400 ? 1.220 ? ? ? ? ? 6  1 ? ? 
1.490 1.640   ? ? ? ? ? ? 148 87.600 ? ? ? ? 0.161 ? ? ? ? ? ? ? ? 28.500 ? 0.951 ? ? ? ? ? 7  1 ? ? 
1.640 1.880   ? ? ? ? ? ? 143 96.000 ? ? ? ? 0.142 ? ? ? ? ? ? ? ? 32.800 ? 1.049 ? ? ? ? ? 8  1 ? ? 
1.880 2.370   ? ? ? ? ? ? 179 97.800 ? ? ? ? 0.113 ? ? ? ? ? ? ? ? 28.400 ? 1.097 ? ? ? ? ? 9  1 ? ? 
2.370 100.000 ? ? ? ? ? ? 192 99.000 ? ? ? ? 0.100 ? ? ? ? ? ? ? ? 24.900 ? 1.050 ? ? ? ? ? 10 1 ? ? 
# 
_refine.aniso_B[1][1]                            ? 
_refine.aniso_B[1][2]                            ? 
_refine.aniso_B[1][3]                            ? 
_refine.aniso_B[2][2]                            ? 
_refine.aniso_B[2][3]                            ? 
_refine.aniso_B[3][3]                            ? 
_refine.B_iso_max                                33.870 
_refine.B_iso_mean                               1.9357 
_refine.B_iso_min                                0.530 
_refine.correlation_coeff_Fo_to_Fc               ? 
_refine.correlation_coeff_Fo_to_Fc_free          ? 
_refine.details                                  ? 
_refine.diff_density_max                         ? 
_refine.diff_density_max_esd                     ? 
_refine.diff_density_min                         ? 
_refine.diff_density_min_esd                     ? 
_refine.diff_density_rms                         ? 
_refine.diff_density_rms_esd                     ? 
_refine.entry_id                                 6BXX 
_refine.pdbx_refine_id                           'X-RAY DIFFRACTION' 
_refine.ls_abs_structure_details                 ? 
_refine.ls_abs_structure_Flack                   ? 
_refine.ls_abs_structure_Flack_esd               ? 
_refine.ls_abs_structure_Rogers                  ? 
_refine.ls_abs_structure_Rogers_esd              ? 
_refine.ls_d_res_high                            1.1000 
_refine.ls_d_res_low                             20.4860 
_refine.ls_extinction_coef                       ? 
_refine.ls_extinction_coef_esd                   ? 
_refine.ls_extinction_expression                 ? 
_refine.ls_extinction_method                     ? 
_refine.ls_goodness_of_fit_all                   ? 
_refine.ls_goodness_of_fit_all_esd               ? 
_refine.ls_goodness_of_fit_obs                   ? 
_refine.ls_goodness_of_fit_obs_esd               ? 
_refine.ls_hydrogen_treatment                    ? 
_refine.ls_matrix_type                           ? 
_refine.ls_number_constraints                    ? 
_refine.ls_number_parameters                     ? 
_refine.ls_number_reflns_all                     ? 
_refine.ls_number_reflns_obs                     1246 
_refine.ls_number_reflns_R_free                  123 
_refine.ls_number_reflns_R_work                  ? 
_refine.ls_number_restraints                     ? 
_refine.ls_percent_reflns_obs                    79.1600 
_refine.ls_percent_reflns_R_free                 9.8700 
_refine.ls_R_factor_all                          ? 
_refine.ls_R_factor_obs                          0.0638 
_refine.ls_R_factor_R_free                       0.0865 
_refine.ls_R_factor_R_free_error                 ? 
_refine.ls_R_factor_R_free_error_details         ? 
_refine.ls_R_factor_R_work                       0.0613 
_refine.ls_R_Fsqd_factor_obs                     ? 
_refine.ls_R_I_factor_obs                        ? 
_refine.ls_redundancy_reflns_all                 ? 
_refine.ls_redundancy_reflns_obs                 ? 
_refine.ls_restrained_S_all                      ? 
_refine.ls_restrained_S_obs                      ? 
_refine.ls_shift_over_esd_max                    ? 
_refine.ls_shift_over_esd_mean                   ? 
_refine.ls_structure_factor_coef                 ? 
_refine.ls_weighting_details                     ? 
_refine.ls_weighting_scheme                      ? 
_refine.ls_wR_factor_all                         ? 
_refine.ls_wR_factor_obs                         ? 
_refine.ls_wR_factor_R_free                      ? 
_refine.ls_wR_factor_R_work                      ? 
_refine.occupancy_max                            ? 
_refine.occupancy_min                            ? 
_refine.solvent_model_details                    ? 
_refine.solvent_model_param_bsol                 ? 
_refine.solvent_model_param_ksol                 ? 
_refine.ls_R_factor_gt                           ? 
_refine.ls_goodness_of_fit_gt                    ? 
_refine.ls_goodness_of_fit_ref                   ? 
_refine.ls_shift_over_su_max                     ? 
_refine.ls_shift_over_su_max_lt                  ? 
_refine.ls_shift_over_su_mean                    ? 
_refine.ls_shift_over_su_mean_lt                 ? 
_refine.pdbx_ls_sigma_I                          ? 
_refine.pdbx_ls_sigma_F                          1.560 
_refine.pdbx_ls_sigma_Fsqd                       ? 
_refine.pdbx_data_cutoff_high_absF               ? 
_refine.pdbx_data_cutoff_high_rms_absF           ? 
_refine.pdbx_data_cutoff_low_absF                ? 
_refine.pdbx_isotropic_thermal_model             ? 
_refine.pdbx_ls_cross_valid_method               THROUGHOUT 
_refine.pdbx_method_to_determine_struct          'AB INITIO PHASING' 
_refine.pdbx_starting_model                      ? 
_refine.pdbx_stereochemistry_target_values       ? 
_refine.pdbx_R_Free_selection_details            ? 
_refine.pdbx_stereochem_target_val_spec_case     ? 
_refine.pdbx_overall_ESU_R                       ? 
_refine.pdbx_overall_ESU_R_Free                  ? 
_refine.pdbx_solvent_vdw_probe_radii             1.1100 
_refine.pdbx_solvent_ion_probe_radii             ? 
_refine.pdbx_solvent_shrinkage_radii             0.9000 
_refine.pdbx_real_space_R                        ? 
_refine.pdbx_density_correlation                 ? 
_refine.pdbx_pd_number_of_powder_patterns        ? 
_refine.pdbx_pd_number_of_points                 ? 
_refine.pdbx_pd_meas_number_of_points            ? 
_refine.pdbx_pd_proc_ls_prof_R_factor            ? 
_refine.pdbx_pd_proc_ls_prof_wR_factor           ? 
_refine.pdbx_pd_Marquardt_correlation_coeff      ? 
_refine.pdbx_pd_Fsqrd_R_factor                   ? 
_refine.pdbx_pd_ls_matrix_band_width             ? 
_refine.pdbx_overall_phase_error                 6.8300 
_refine.pdbx_overall_SU_R_free_Cruickshank_DPI   ? 
_refine.pdbx_overall_SU_R_free_Blow_DPI          ? 
_refine.pdbx_overall_SU_R_Blow_DPI               ? 
_refine.pdbx_TLS_residual_ADP_flag               ? 
_refine.pdbx_diffrn_id                           1 
_refine.overall_SU_B                             ? 
_refine.overall_SU_ML                            0.0300 
_refine.overall_SU_R_Cruickshank_DPI             ? 
_refine.overall_SU_R_free                        ? 
_refine.overall_FOM_free_R_set                   ? 
_refine.overall_FOM_work_R_set                   ? 
_refine.pdbx_average_fsc_overall                 ? 
_refine.pdbx_average_fsc_work                    ? 
_refine.pdbx_average_fsc_free                    ? 
# 
_refine_hist.cycle_id                         final 
_refine_hist.pdbx_refine_id                   'X-RAY DIFFRACTION' 
_refine_hist.d_res_high                       1.1000 
_refine_hist.d_res_low                        20.4860 
_refine_hist.pdbx_number_atoms_ligand         0 
_refine_hist.number_atoms_solvent             4 
_refine_hist.number_atoms_total               48 
_refine_hist.pdbx_number_residues_total       6 
_refine_hist.pdbx_B_iso_mean_solvent          11.68 
_refine_hist.pdbx_number_atoms_protein        44 
_refine_hist.pdbx_number_atoms_nucleic_acid   0 
# 
loop_
_refine_ls_restr.pdbx_refine_id 
_refine_ls_restr.criterion 
_refine_ls_restr.dev_ideal 
_refine_ls_restr.dev_ideal_target 
_refine_ls_restr.number 
_refine_ls_restr.rejects 
_refine_ls_restr.type 
_refine_ls_restr.weight 
_refine_ls_restr.pdbx_restraint_function 
'X-RAY DIFFRACTION' ? 0.018 ? 45 ? f_bond_d           ? ? 
'X-RAY DIFFRACTION' ? 2.220 ? 59 ? f_angle_d          ? ? 
'X-RAY DIFFRACTION' ? 0.169 ? 3  ? f_chiral_restr     ? ? 
'X-RAY DIFFRACTION' ? 0.011 ? 9  ? f_plane_restr      ? ? 
'X-RAY DIFFRACTION' ? 7.068 ? 13 ? f_dihedral_angle_d ? ? 
# 
_refine_ls_shell.pdbx_refine_id                   'X-RAY DIFFRACTION' 
_refine_ls_shell.d_res_high                       1.1003 
_refine_ls_shell.d_res_low                        20.4900 
_refine_ls_shell.number_reflns_all                1246 
_refine_ls_shell.number_reflns_obs                ? 
_refine_ls_shell.number_reflns_R_free             123 
_refine_ls_shell.number_reflns_R_work             1123 
_refine_ls_shell.percent_reflns_obs               79.0000 
_refine_ls_shell.percent_reflns_R_free            ? 
_refine_ls_shell.R_factor_all                     ? 
_refine_ls_shell.R_factor_obs                     ? 
_refine_ls_shell.R_factor_R_free                  0.0865 
_refine_ls_shell.R_factor_R_free_error            0.0000 
_refine_ls_shell.R_factor_R_work                  0.0613 
_refine_ls_shell.redundancy_reflns_all            ? 
_refine_ls_shell.redundancy_reflns_obs            ? 
_refine_ls_shell.wR_factor_all                    ? 
_refine_ls_shell.wR_factor_obs                    ? 
_refine_ls_shell.wR_factor_R_free                 ? 
_refine_ls_shell.wR_factor_R_work                 ? 
_refine_ls_shell.pdbx_total_number_of_bins_used   1 
_refine_ls_shell.pdbx_phase_error                 ? 
_refine_ls_shell.pdbx_fsc_work                    ? 
_refine_ls_shell.pdbx_fsc_free                    ? 
# 
_struct.entry_id                     6BXX 
_struct.title                        'GYNGFG from low-complexity domain of hnRNPA1, residues 243-248' 
_struct.pdbx_model_details           ? 
_struct.pdbx_formula_weight          ? 
_struct.pdbx_formula_weight_method   ? 
_struct.pdbx_model_type_details      ? 
_struct.pdbx_CASP_flag               N 
# 
_struct_keywords.entry_id        6BXX 
_struct_keywords.text            'Amyloid, LARKS, Reversible-amyloid, low-complexity, PROTEIN FIBRIL' 
_struct_keywords.pdbx_keywords   'PROTEIN FIBRIL' 
# 
loop_
_struct_asym.id 
_struct_asym.pdbx_blank_PDB_chainid_flag 
_struct_asym.pdbx_modified 
_struct_asym.entity_id 
_struct_asym.details 
A N N 1 ? 
B N N 2 ? 
# 
_struct_ref.id                         1 
_struct_ref.db_name                    PDB 
_struct_ref.db_code                    6BXX 
_struct_ref.pdbx_db_accession          6BXX 
_struct_ref.pdbx_db_isoform            ? 
_struct_ref.entity_id                  1 
_struct_ref.pdbx_seq_one_letter_code   ? 
_struct_ref.pdbx_align_begin           1 
# 
_struct_ref_seq.align_id                      1 
_struct_ref_seq.ref_id                        1 
_struct_ref_seq.pdbx_PDB_id_code              6BXX 
_struct_ref_seq.pdbx_strand_id                A 
_struct_ref_seq.seq_align_beg                 1 
_struct_ref_seq.pdbx_seq_align_beg_ins_code   ? 
_struct_ref_seq.seq_align_end                 6 
_struct_ref_seq.pdbx_seq_align_end_ins_code   ? 
_struct_ref_seq.pdbx_db_accession             6BXX 
_struct_ref_seq.db_align_beg                  1 
_struct_ref_seq.pdbx_db_align_beg_ins_code    ? 
_struct_ref_seq.db_align_end                  6 
_struct_ref_seq.pdbx_db_align_end_ins_code    ? 
_struct_ref_seq.pdbx_auth_seq_align_beg       1 
_struct_ref_seq.pdbx_auth_seq_align_end       6 
# 
_pdbx_struct_assembly.id                   1 
_pdbx_struct_assembly.details              author_defined_assembly 
_pdbx_struct_assembly.method_details       ? 
_pdbx_struct_assembly.oligomeric_details   decameric 
_pdbx_struct_assembly.oligomeric_count     10 
# 
_pdbx_struct_assembly_gen.assembly_id       1 
_pdbx_struct_assembly_gen.oper_expression   1,2,3,4,5,6,7,8,9,10 
_pdbx_struct_assembly_gen.asym_id_list      A,B 
# 
_pdbx_struct_assembly_auth_evidence.id                     1 
_pdbx_struct_assembly_auth_evidence.assembly_id            1 
_pdbx_struct_assembly_auth_evidence.experimental_support   none 
_pdbx_struct_assembly_auth_evidence.details                ? 
# 
loop_
_pdbx_struct_oper_list.id 
_pdbx_struct_oper_list.type 
_pdbx_struct_oper_list.name 
_pdbx_struct_oper_list.symmetry_operation 
_pdbx_struct_oper_list.matrix[1][1] 
_pdbx_struct_oper_list.matrix[1][2] 
_pdbx_struct_oper_list.matrix[1][3] 
_pdbx_struct_oper_list.vector[1] 
_pdbx_struct_oper_list.matrix[2][1] 
_pdbx_struct_oper_list.matrix[2][2] 
_pdbx_struct_oper_list.matrix[2][3] 
_pdbx_struct_oper_list.vector[2] 
_pdbx_struct_oper_list.matrix[3][1] 
_pdbx_struct_oper_list.matrix[3][2] 
_pdbx_struct_oper_list.matrix[3][3] 
_pdbx_struct_oper_list.vector[3] 
1  'identity operation'         1_555 x,y,z           1.0000000000 0.0000000000 0.0000000000 0.0000000000   0.0000000000 1.0000000000  0.0000000000 0.0000000000  0.0000000000 0.0000000000 1.0000000000  0.0000000000  
2  'crystal symmetry operation' 1_565 x,y+1,z         1.0000000000 0.0000000000 0.0000000000 -3.6683535295  0.0000000000 1.0000000000  0.0000000000 -0.9210994850 0.0000000000 0.0000000000 1.0000000000  -2.9048440787 
3  'crystal symmetry operation' 1_545 x,y-1,z         1.0000000000 0.0000000000 0.0000000000 3.6683535295   0.0000000000 1.0000000000  0.0000000000 0.9210994850  0.0000000000 0.0000000000 1.0000000000  2.9048440787  
4  'crystal symmetry operation' 1_535 x,y-2,z         1.0000000000 0.0000000000 0.0000000000 7.3367070590   0.0000000000 1.0000000000  0.0000000000 1.8421989700  0.0000000000 0.0000000000 1.0000000000  5.8096881573  
5  'crystal symmetry operation' 1_575 x,y+2,z         1.0000000000 0.0000000000 0.0000000000 -7.3367070590  0.0000000000 1.0000000000  0.0000000000 -1.8421989700 0.0000000000 0.0000000000 1.0000000000  -5.8096881573 
6  'crystal symmetry operation' 3_555 -x,y+1/2,-z+1/2 0.1833622671 0.2971344954 0.9370642297 -5.7810999929  0.2971344954 -0.9253914792 0.2352906754 9.5653687851  0.9370642297 0.2352906754 -0.2579707879 0.3527837549  
7  'crystal symmetry operation' 3_545 -x,y-1/2,-z+1/2 0.1833622671 0.2971344954 0.9370642297 -2.1127464634  0.2971344954 -0.9253914792 0.2352906754 10.4864682701 0.9370642297 0.2352906754 -0.2579707879 3.2576278336  
8  'crystal symmetry operation' 3_535 -x,y-3/2,-z+1/2 0.1833622671 0.2971344954 0.9370642297 1.5556070661   0.2971344954 -0.9253914792 0.2352906754 11.4075677551 0.9370642297 0.2352906754 -0.2579707879 6.1624719123  
9  'crystal symmetry operation' 3_565 -x,y+3/2,-z+1/2 0.1833622671 0.2971344954 0.9370642297 -9.4494535224  0.2971344954 -0.9253914792 0.2352906754 8.6442693001  0.9370642297 0.2352906754 -0.2579707879 -2.5520603237 
10 'crystal symmetry operation' 3_575 -x,y+5/2,-z+1/2 0.1833622671 0.2971344954 0.9370642297 -13.1178070519 0.2971344954 -0.9253914792 0.2352906754 7.7231698151  0.9370642297 0.2352906754 -0.2579707879 -5.4569044024 
# 
_pdbx_validate_torsion.id              1 
_pdbx_validate_torsion.PDB_model_num   1 
_pdbx_validate_torsion.auth_comp_id    PHE 
_pdbx_validate_torsion.auth_asym_id    A 
_pdbx_validate_torsion.auth_seq_id     5 
_pdbx_validate_torsion.PDB_ins_code    ? 
_pdbx_validate_torsion.label_alt_id    ? 
_pdbx_validate_torsion.phi             -109.90 
_pdbx_validate_torsion.psi             -74.25 
# 
loop_
_chem_comp_atom.comp_id 
_chem_comp_atom.atom_id 
_chem_comp_atom.type_symbol 
_chem_comp_atom.pdbx_aromatic_flag 
_chem_comp_atom.pdbx_stereo_config 
_chem_comp_atom.pdbx_ordinal 
ASN N    N N N 1  
ASN CA   C N S 2  
ASN C    C N N 3  
ASN O    O N N 4  
ASN CB   C N N 5  
ASN CG   C N N 6  
ASN OD1  O N N 7  
ASN ND2  N N N 8  
ASN OXT  O N N 9  
ASN H    H N N 10 
ASN H2   H N N 11 
ASN HA   H N N 12 
ASN HB2  H N N 13 
ASN HB3  H N N 14 
ASN HD21 H N N 15 
ASN HD22 H N N 16 
ASN HXT  H N N 17 
GLY N    N N N 18 
GLY CA   C N N 19 
GLY C    C N N 20 
GLY O    O N N 21 
GLY OXT  O N N 22 
GLY H    H N N 23 
GLY H2   H N N 24 
GLY HA2  H N N 25 
GLY HA3  H N N 26 
GLY HXT  H N N 27 
HOH O    O N N 28 
HOH H1   H N N 29 
HOH H2   H N N 30 
PHE N    N N N 31 
PHE CA   C N S 32 
PHE C    C N N 33 
PHE O    O N N 34 
PHE CB   C N N 35 
PHE CG   C Y N 36 
PHE CD1  C Y N 37 
PHE CD2  C Y N 38 
PHE CE1  C Y N 39 
PHE CE2  C Y N 40 
PHE CZ   C Y N 41 
PHE OXT  O N N 42 
PHE H    H N N 43 
PHE H2   H N N 44 
PHE HA   H N N 45 
PHE HB2  H N N 46 
PHE HB3  H N N 47 
PHE HD1  H N N 48 
PHE HD2  H N N 49 
PHE HE1  H N N 50 
PHE HE2  H N N 51 
PHE HZ   H N N 52 
PHE HXT  H N N 53 
TYR N    N N N 54 
TYR CA   C N S 55 
TYR C    C N N 56 
TYR O    O N N 57 
TYR CB   C N N 58 
TYR CG   C Y N 59 
TYR CD1  C Y N 60 
TYR CD2  C Y N 61 
TYR CE1  C Y N 62 
TYR CE2  C Y N 63 
TYR CZ   C Y N 64 
TYR OH   O N N 65 
TYR OXT  O N N 66 
TYR H    H N N 67 
TYR H2   H N N 68 
TYR HA   H N N 69 
TYR HB2  H N N 70 
TYR HB3  H N N 71 
TYR HD1  H N N 72 
TYR HD2  H N N 73 
TYR HE1  H N N 74 
TYR HE2  H N N 75 
TYR HH   H N N 76 
TYR HXT  H N N 77 
# 
loop_
_chem_comp_bond.comp_id 
_chem_comp_bond.atom_id_1 
_chem_comp_bond.atom_id_2 
_chem_comp_bond.value_order 
_chem_comp_bond.pdbx_aromatic_flag 
_chem_comp_bond.pdbx_stereo_config 
_chem_comp_bond.pdbx_ordinal 
ASN N   CA   sing N N 1  
ASN N   H    sing N N 2  
ASN N   H2   sing N N 3  
ASN CA  C    sing N N 4  
ASN CA  CB   sing N N 5  
ASN CA  HA   sing N N 6  
ASN C   O    doub N N 7  
ASN C   OXT  sing N N 8  
ASN CB  CG   sing N N 9  
ASN CB  HB2  sing N N 10 
ASN CB  HB3  sing N N 11 
ASN CG  OD1  doub N N 12 
ASN CG  ND2  sing N N 13 
ASN ND2 HD21 sing N N 14 
ASN ND2 HD22 sing N N 15 
ASN OXT HXT  sing N N 16 
GLY N   CA   sing N N 17 
GLY N   H    sing N N 18 
GLY N   H2   sing N N 19 
GLY CA  C    sing N N 20 
GLY CA  HA2  sing N N 21 
GLY CA  HA3  sing N N 22 
GLY C   O    doub N N 23 
GLY C   OXT  sing N N 24 
GLY OXT HXT  sing N N 25 
HOH O   H1   sing N N 26 
HOH O   H2   sing N N 27 
PHE N   CA   sing N N 28 
PHE N   H    sing N N 29 
PHE N   H2   sing N N 30 
PHE CA  C    sing N N 31 
PHE CA  CB   sing N N 32 
PHE CA  HA   sing N N 33 
PHE C   O    doub N N 34 
PHE C   OXT  sing N N 35 
PHE CB  CG   sing N N 36 
PHE CB  HB2  sing N N 37 
PHE CB  HB3  sing N N 38 
PHE CG  CD1  doub Y N 39 
PHE CG  CD2  sing Y N 40 
PHE CD1 CE1  sing Y N 41 
PHE CD1 HD1  sing N N 42 
PHE CD2 CE2  doub Y N 43 
PHE CD2 HD2  sing N N 44 
PHE CE1 CZ   doub Y N 45 
PHE CE1 HE1  sing N N 46 
PHE CE2 CZ   sing Y N 47 
PHE CE2 HE2  sing N N 48 
PHE CZ  HZ   sing N N 49 
PHE OXT HXT  sing N N 50 
TYR N   CA   sing N N 51 
TYR N   H    sing N N 52 
TYR N   H2   sing N N 53 
TYR CA  C    sing N N 54 
TYR CA  CB   sing N N 55 
TYR CA  HA   sing N N 56 
TYR C   O    doub N N 57 
TYR C   OXT  sing N N 58 
TYR CB  CG   sing N N 59 
TYR CB  HB2  sing N N 60 
TYR CB  HB3  sing N N 61 
TYR CG  CD1  doub Y N 62 
TYR CG  CD2  sing Y N 63 
TYR CD1 CE1  sing Y N 64 
TYR CD1 HD1  sing N N 65 
TYR CD2 CE2  doub Y N 66 
TYR CD2 HD2  sing N N 67 
TYR CE1 CZ   doub Y N 68 
TYR CE1 HE1  sing N N 69 
TYR CE2 CZ   sing Y N 70 
TYR CE2 HE2  sing N N 71 
TYR CZ  OH   sing N N 72 
TYR OH  HH   sing N N 73 
TYR OXT HXT  sing N N 74 
# 
loop_
_pdbx_audit_support.funding_organization 
_pdbx_audit_support.country 
_pdbx_audit_support.grant_number 
_pdbx_audit_support.ordinal 
'Howard Hughes Medical Institute (HHMI)'               'United States' ?           1 
'National Institutes of Health/Office of the Director' 'United States' AG-04812    2 
'National Science Foundation (NSF, United States)'     'United States' MCB-0958111 3 
# 
_atom_sites.entry_id                    6BXX 
_atom_sites.fract_transf_matrix[1][1]   0.02857360 
_atom_sites.fract_transf_matrix[1][2]   0.02805034 
_atom_sites.fract_transf_matrix[1][3]   -0.04497839 
_atom_sites.fract_transf_matrix[2][1]   -0.16129371 
_atom_sites.fract_transf_matrix[2][2]   -0.04049979 
_atom_sites.fract_transf_matrix[2][3]   -0.12772299 
_atom_sites.fract_transf_matrix[3][1]   -0.01044547 
_atom_sites.fract_transf_matrix[3][2]   0.02107584 
_atom_sites.fract_transf_matrix[3][3]   0.00650800 
_atom_sites.fract_transf_vector[1]      -0.043629 
_atom_sites.fract_transf_vector[2]      0.520201 
_atom_sites.fract_transf_vector[3]      0.117857 
# 
loop_
_atom_type.symbol 
C 
H 
N 
O 
# 
loop_
_atom_site.group_PDB 
_atom_site.id 
_atom_site.type_symbol 
_atom_site.label_atom_id 
_atom_site.label_alt_id 
_atom_site.label_comp_id 
_atom_site.label_asym_id 
_atom_site.label_entity_id 
_atom_site.label_seq_id 
_atom_site.pdbx_PDB_ins_code 
_atom_site.Cartn_x 
_atom_site.Cartn_y 
_atom_site.Cartn_z 
_atom_site.occupancy 
_atom_site.B_iso_or_equiv 
_atom_site.pdbx_formal_charge 
_atom_site.auth_seq_id 
_atom_site.auth_comp_id 
_atom_site.auth_asym_id 
_atom_site.auth_atom_id 
_atom_site.pdbx_PDB_model_num 
ATOM   1  N N    . GLY A 1 1 ? -1.118 -7.195 3.045  1.00 1.73  ? 1   GLY A N    1 
ATOM   2  C CA   . GLY A 1 1 ? -0.349 -5.993 3.492  1.00 1.26  ? 1   GLY A CA   1 
ATOM   3  C C    . GLY A 1 1 ? -1.060 -4.750 2.963  1.00 1.11  ? 1   GLY A C    1 
ATOM   4  O O    . GLY A 1 1 ? -2.020 -4.872 2.243  1.00 1.80  ? 1   GLY A O    1 
ATOM   5  H H1   . GLY A 1 1 ? -0.594 -7.985 3.191  1.00 2.08  ? 1   GLY A H1   1 
ATOM   6  H H2   . GLY A 1 1 ? -1.936 -7.257 3.544  1.00 2.08  ? 1   GLY A H2   1 
ATOM   7  H H3   . GLY A 1 1 ? -1.320 -7.121 2.108  1.00 2.08  ? 1   GLY A H3   1 
ATOM   8  H HA2  . GLY A 1 1 ? -0.312 -5.956 4.460  1.00 1.51  ? 1   GLY A HA2  1 
ATOM   9  H HA3  . GLY A 1 1 ? 0.552  -6.020 3.136  1.00 1.51  ? 1   GLY A HA3  1 
ATOM   10 N N    . TYR A 1 2 ? -0.522 -3.594 3.363  1.00 0.86  ? 2   TYR A N    1 
ATOM   11 C CA   . TYR A 1 2 ? -1.131 -2.314 2.987  1.00 0.68  ? 2   TYR A CA   1 
ATOM   12 C C    . TYR A 1 2 ? -0.053 -1.433 2.367  1.00 0.93  ? 2   TYR A C    1 
ATOM   13 O O    . TYR A 1 2 ? 1.026  -1.280 2.923  1.00 1.30  ? 2   TYR A O    1 
ATOM   14 C CB   . TYR A 1 2 ? -1.692 -1.630 4.243  1.00 0.87  ? 2   TYR A CB   1 
ATOM   15 C CG   . TYR A 1 2 ? -2.379 -0.305 3.942  1.00 0.66  ? 2   TYR A CG   1 
ATOM   16 C CD1  . TYR A 1 2 ? -1.641 0.860  3.704  1.00 0.61  ? 2   TYR A CD1  1 
ATOM   17 C CD2  . TYR A 1 2 ? -3.762 -0.198 3.937  1.00 0.97  ? 2   TYR A CD2  1 
ATOM   18 C CE1  . TYR A 1 2 ? -2.255 2.065  3.439  1.00 0.74  ? 2   TYR A CE1  1 
ATOM   19 C CE2  . TYR A 1 2 ? -4.397 1.004  3.686  1.00 1.00  ? 2   TYR A CE2  1 
ATOM   20 C CZ   . TYR A 1 2 ? -3.638 2.122  3.434  1.00 1.23  ? 2   TYR A CZ   1 
ATOM   21 O OH   . TYR A 1 2 ? -4.309 3.293  3.111  1.00 1.29  ? 2   TYR A OH   1 
ATOM   22 H H    . TYR A 1 2 ? 0.310  -3.513 3.930  1.00 1.04  ? 2   TYR A H    1 
ATOM   23 H HA   . TYR A 1 2 ? -1.860 -2.444 2.349  1.00 0.82  ? 2   TYR A HA   1 
ATOM   24 H HB2  . TYR A 1 2 ? -2.340 -2.219 4.659  1.00 1.04  ? 2   TYR A HB2  1 
ATOM   25 H HB3  . TYR A 1 2 ? -0.963 -1.455 4.859  1.00 1.04  ? 2   TYR A HB3  1 
ATOM   26 H HD1  . TYR A 1 2 ? -0.713 0.821  3.707  1.00 0.73  ? 2   TYR A HD1  1 
ATOM   27 H HD2  . TYR A 1 2 ? -4.276 -0.955 4.105  1.00 1.17  ? 2   TYR A HD2  1 
ATOM   28 H HE1  . TYR A 1 2 ? -1.747 2.822  3.256  1.00 0.88  ? 2   TYR A HE1  1 
ATOM   29 H HE2  . TYR A 1 2 ? -5.325 1.049  3.654  1.00 1.20  ? 2   TYR A HE2  1 
ATOM   30 H HH   . TYR A 1 2 ? -3.779 3.891  2.927  1.00 1.55  ? 2   TYR A HH   1 
ATOM   31 N N    . ASN A 1 3 ? -0.416 -0.836 1.226  1.00 0.87  ? 3   ASN A N    1 
ATOM   32 C CA   . ASN A 1 3 ? 0.457  0.202  0.591  1.00 0.91  ? 3   ASN A CA   1 
ATOM   33 C C    . ASN A 1 3 ? -0.420 1.397  0.288  1.00 0.77  ? 3   ASN A C    1 
ATOM   34 O O    . ASN A 1 3 ? -1.438 1.272  -0.387 1.00 0.92  ? 3   ASN A O    1 
ATOM   35 C CB   . ASN A 1 3 ? 1.084  -0.320 -0.710 1.00 1.13  ? 3   ASN A CB   1 
ATOM   36 C CG   . ASN A 1 3 ? 1.897  -1.570 -0.429 1.00 1.71  ? 3   ASN A CG   1 
ATOM   37 O OD1  . ASN A 1 3 ? 3.032  -1.475 0.043  1.00 2.06  ? 3   ASN A OD1  1 
ATOM   38 N ND2  . ASN A 1 3 ? 1.302  -2.726 -0.641 1.00 2.44  ? 3   ASN A ND2  1 
ATOM   39 H H    . ASN A 1 3 ? -1.268 -1.027 0.718  1.00 1.04  ? 3   ASN A H    1 
ATOM   40 H HA   . ASN A 1 3 ? 1.176  0.470  1.198  1.00 1.09  ? 3   ASN A HA   1 
ATOM   41 H HB2  . ASN A 1 3 ? 0.383  -0.537 -1.343 1.00 1.36  ? 3   ASN A HB2  1 
ATOM   42 H HB3  . ASN A 1 3 ? 1.676  0.355  -1.079 1.00 1.36  ? 3   ASN A HB3  1 
ATOM   43 H HD21 . ASN A 1 3 ? 1.833  -3.513 -0.886 1.00 2.92  ? 3   ASN A HD21 1 
ATOM   44 H HD22 . ASN A 1 3 ? 0.327  -2.799 -0.552 1.00 2.92  ? 3   ASN A HD22 1 
ATOM   45 N N    . GLY A 1 4 ? 0.014  2.584  0.745  1.00 0.72  ? 4   GLY A N    1 
ATOM   46 C CA   . GLY A 1 4 ? -0.802 3.763  0.432  1.00 0.53  ? 4   GLY A CA   1 
ATOM   47 C C    . GLY A 1 4 ? -0.888 4.043  -1.067 1.00 0.93  ? 4   GLY A C    1 
ATOM   48 O O    . GLY A 1 4 ? -1.919 4.512  -1.515 1.00 1.00  ? 4   GLY A O    1 
ATOM   49 H H    . GLY A 1 4 ? 0.849  2.753  1.287  1.00 0.87  ? 4   GLY A H    1 
ATOM   50 H HA2  . GLY A 1 4 ? -1.703 3.629  0.770  1.00 0.63  ? 4   GLY A HA2  1 
ATOM   51 H HA3  . GLY A 1 4 ? -0.433 4.544  0.870  1.00 0.63  ? 4   GLY A HA3  1 
ATOM   52 N N    . PHE A 1 5 ? 0.227  3.753  -1.779 1.00 0.81  ? 5   PHE A N    1 
ATOM   53 C CA   . PHE A 1 5 ? 0.250  3.898  -3.245 1.00 0.76  ? 5   PHE A CA   1 
ATOM   54 C C    . PHE A 1 5 ? 0.305  2.485  -3.840 1.00 0.94  ? 5   PHE A C    1 
ATOM   55 O O    . PHE A 1 5 ? -0.705 1.971  -4.331 1.00 0.99  ? 5   PHE A O    1 
ATOM   56 C CB   . PHE A 1 5 ? 1.409  4.846  -3.663 1.00 0.97  ? 5   PHE A CB   1 
ATOM   57 C CG   . PHE A 1 5 ? 1.181  5.296  -5.077 1.00 1.57  ? 5   PHE A CG   1 
ATOM   58 C CD1  . PHE A 1 5 ? 0.415  6.415  -5.360 1.00 1.76  ? 5   PHE A CD1  1 
ATOM   59 C CD2  . PHE A 1 5 ? 1.636  4.550  -6.161 1.00 1.99  ? 5   PHE A CD2  1 
ATOM   60 C CE1  . PHE A 1 5 ? 0.146  6.825  -6.673 1.00 2.47  ? 5   PHE A CE1  1 
ATOM   61 C CE2  . PHE A 1 5 ? 1.313  4.969  -7.486 1.00 2.23  ? 5   PHE A CE2  1 
ATOM   62 C CZ   . PHE A 1 5 ? 0.592  6.098  -7.697 1.00 2.23  ? 5   PHE A CZ   1 
ATOM   63 H H    . PHE A 1 5 ? 1.099  3.433  -1.385 1.00 0.98  ? 5   PHE A H    1 
ATOM   64 H HA   . PHE A 1 5 ? -0.587 4.308  -3.549 1.00 0.91  ? 5   PHE A HA   1 
ATOM   65 H HB2  . PHE A 1 5 ? 1.414  5.629  -3.090 1.00 1.16  ? 5   PHE A HB2  1 
ATOM   66 H HB3  . PHE A 1 5 ? 2.261  4.385  -3.615 1.00 1.16  ? 5   PHE A HB3  1 
ATOM   67 H HD1  . PHE A 1 5 ? 0.091  6.927  -4.653 1.00 2.11  ? 5   PHE A HD1  1 
ATOM   68 H HD2  . PHE A 1 5 ? 2.121  3.768  -6.022 1.00 2.39  ? 5   PHE A HD2  1 
ATOM   69 H HE1  . PHE A 1 5 ? -0.357 7.593  -6.829 1.00 2.96  ? 5   PHE A HE1  1 
ATOM   70 H HE2  . PHE A 1 5 ? 1.638  4.488  -8.215 1.00 2.68  ? 5   PHE A HE2  1 
ATOM   71 H HZ   . PHE A 1 5 ? 0.417  6.375  -8.567 1.00 2.67  ? 5   PHE A HZ   1 
ATOM   72 N N    . GLY A 1 6 ? 1.487  1.824  -3.756 1.00 1.13  ? 6   GLY A N    1 
ATOM   73 C CA   . GLY A 1 6 ? 1.574  0.445  -4.257 1.00 1.93  ? 6   GLY A CA   1 
ATOM   74 C C    . GLY A 1 6 ? 3.032  -0.018 -4.344 1.00 2.48  ? 6   GLY A C    1 
ATOM   75 O O    . GLY A 1 6 ? 3.213  -1.253 -4.500 1.00 3.06  ? 6   GLY A O    1 
ATOM   76 O OXT  . GLY A 1 6 ? 3.946  0.839  -4.306 1.00 3.02  ? 6   GLY A OXT  1 
ATOM   77 H H    . GLY A 1 6 ? 2.342  2.191  -3.363 1.00 1.36  ? 6   GLY A H    1 
ATOM   78 H HA2  . GLY A 1 6 ? 1.090  -0.152 -3.663 1.00 2.32  ? 6   GLY A HA2  1 
ATOM   79 H HA3  . GLY A 1 6 ? 1.183  0.390  -5.139 1.00 2.32  ? 6   GLY A HA3  1 
HETATM 80 O O    . HOH B 2 . ? -3.744 -6.722 4.102  1.00 3.42  ? 101 HOH A O    1 
HETATM 81 O O    . HOH B 2 . ? 2.847  -1.203 -7.363 1.00 4.87  ? 102 HOH A O    1 
HETATM 82 O O    . HOH B 2 . ? 5.218  -2.167 -6.395 1.00 33.87 ? 103 HOH A O    1 
HETATM 83 O O    . HOH B 2 . ? 1.409  1.688  -9.130 1.00 4.56  ? 104 HOH A O    1 
# 
loop_
_atom_site_anisotrop.id 
_atom_site_anisotrop.type_symbol 
_atom_site_anisotrop.pdbx_label_atom_id 
_atom_site_anisotrop.pdbx_label_alt_id 
_atom_site_anisotrop.pdbx_label_comp_id 
_atom_site_anisotrop.pdbx_label_asym_id 
_atom_site_anisotrop.pdbx_label_seq_id 
_atom_site_anisotrop.pdbx_PDB_ins_code 
_atom_site_anisotrop.U[1][1] 
_atom_site_anisotrop.U[2][2] 
_atom_site_anisotrop.U[3][3] 
_atom_site_anisotrop.U[1][2] 
_atom_site_anisotrop.U[1][3] 
_atom_site_anisotrop.U[2][3] 
_atom_site_anisotrop.pdbx_auth_seq_id 
_atom_site_anisotrop.pdbx_auth_comp_id 
_atom_site_anisotrop.pdbx_auth_asym_id 
_atom_site_anisotrop.pdbx_auth_atom_id 
1  N N   . GLY A 1 ? 0.0310 0.0094 0.0254 0.0029  -0.0019 0.0040  1   GLY A N   
2  C CA  . GLY A 1 ? 0.0212 0.0102 0.0164 0.0006  -0.0060 0.0018  1   GLY A CA  
3  C C   . GLY A 1 ? 0.0176 0.0116 0.0131 0.0010  -0.0085 0.0014  1   GLY A C   
4  O O   . GLY A 1 ? 0.0259 0.0116 0.0307 -0.0013 -0.0151 -0.0003 1   GLY A O   
10 N N   . TYR A 2 ? 0.0116 0.0105 0.0108 0.0022  -0.0049 0.0032  2   TYR A N   
11 C CA  . TYR A 2 ? 0.0077 0.0089 0.0092 0.0003  -0.0031 0.0042  2   TYR A CA  
12 C C   . TYR A 2 ? 0.0130 0.0118 0.0106 0.0018  -0.0005 0.0064  2   TYR A C   
13 O O   . TYR A 2 ? 0.0089 0.0136 0.0272 -0.0027 -0.0004 0.0059  2   TYR A O   
14 C CB  . TYR A 2 ? 0.0100 0.0084 0.0146 -0.0034 0.0042  0.0013  2   TYR A CB  
15 C CG  . TYR A 2 ? 0.0122 0.0080 0.0049 -0.0018 0.0030  0.0008  2   TYR A CG  
16 C CD1 . TYR A 2 ? 0.0079 0.0068 0.0085 -0.0039 0.0023  -0.0003 2   TYR A CD1 
17 C CD2 . TYR A 2 ? 0.0202 0.0070 0.0096 -0.0029 0.0067  -0.0009 2   TYR A CD2 
18 C CE1 . TYR A 2 ? 0.0087 0.0076 0.0117 -0.0045 0.0020  -0.0011 2   TYR A CE1 
19 C CE2 . TYR A 2 ? 0.0097 0.0117 0.0167 -0.0030 0.0046  -0.0024 2   TYR A CE2 
20 C CZ  . TYR A 2 ? 0.0195 0.0085 0.0187 -0.0026 0.0066  -0.0015 2   TYR A CZ  
21 O OH  . TYR A 2 ? 0.0186 0.0072 0.0234 -0.0012 0.0050  0.0016  2   TYR A OH  
31 N N   . ASN A 3 ? 0.0144 0.0106 0.0079 -0.0006 0.0016  0.0051  3   ASN A N   
32 C CA  . ASN A 3 ? 0.0156 0.0108 0.0081 -0.0002 0.0006  0.0053  3   ASN A CA  
33 C C   . ASN A 3 ? 0.0116 0.0090 0.0088 -0.0009 0.0017  0.0049  3   ASN A C   
34 O O   . ASN A 3 ? 0.0124 0.0083 0.0142 -0.0016 -0.0026 0.0057  3   ASN A O   
35 C CB  . ASN A 3 ? 0.0165 0.0115 0.0151 -0.0002 0.0034  0.0043  3   ASN A CB  
36 C CG  . ASN A 3 ? 0.0288 0.0211 0.0151 0.0088  -0.0013 -0.0029 3   ASN A CG  
37 O OD1 . ASN A 3 ? 0.0205 0.0297 0.0280 0.0099  -0.0018 -0.0091 3   ASN A OD1 
38 N ND2 . ASN A 3 ? 0.0327 0.0202 0.0396 0.0104  0.0003  -0.0067 3   ASN A ND2 
45 N N   . GLY A 4 ? 0.0099 0.0072 0.0102 -0.0018 0.0033  0.0032  4   GLY A N   
46 C CA  . GLY A 4 ? 0.0060 0.0098 0.0042 0.0030  0.0005  0.0025  4   GLY A CA  
47 C C   . GLY A 4 ? 0.0138 0.0082 0.0133 -0.0015 0.0077  0.0003  4   GLY A C   
48 O O   . GLY A 4 ? 0.0121 0.0140 0.0118 0.0071  0.0044  0.0046  4   GLY A O   
52 N N   . PHE A 5 ? 0.0119 0.0108 0.0081 -0.0015 0.0046  0.0026  5   PHE A N   
53 C CA  . PHE A 5 ? 0.0060 0.0124 0.0105 -0.0017 -0.0040 -0.0005 5   PHE A CA  
54 C C   . PHE A 5 ? 0.0052 0.0160 0.0146 0.0005  -0.0030 0.0012  5   PHE A C   
55 O O   . PHE A 5 ? 0.0085 0.0169 0.0123 -0.0002 -0.0038 -0.0012 5   PHE A O   
56 C CB  . PHE A 5 ? 0.0131 0.0147 0.0090 -0.0020 -0.0060 0.0016  5   PHE A CB  
57 C CG  . PHE A 5 ? 0.0149 0.0194 0.0251 -0.0089 0.0036  0.0034  5   PHE A CG  
58 C CD1 . PHE A 5 ? 0.0201 0.0231 0.0236 -0.0064 0.0045  0.0097  5   PHE A CD1 
59 C CD2 . PHE A 5 ? 0.0342 0.0222 0.0192 -0.0141 0.0054  -0.0044 5   PHE A CD2 
60 C CE1 . PHE A 5 ? 0.0249 0.0260 0.0429 -0.0070 0.0069  0.0107  5   PHE A CE1 
61 C CE2 . PHE A 5 ? 0.0343 0.0267 0.0238 -0.0166 0.0079  -0.0084 5   PHE A CE2 
62 C CZ  . PHE A 5 ? 0.0356 0.0297 0.0194 -0.0102 0.0005  0.0041  5   PHE A CZ  
72 N N   . GLY A 6 ? 0.0083 0.0155 0.0192 -0.0015 -0.0043 -0.0046 6   GLY A N   
73 C CA  . GLY A 6 ? 0.0153 0.0187 0.0394 -0.0016 0.0031  -0.0090 6   GLY A CA  
74 C C   . GLY A 6 ? 0.0274 0.0231 0.0437 0.0030  0.0034  -0.0091 6   GLY A C   
75 O O   . GLY A 6 ? 0.0382 0.0276 0.0507 0.0104  0.0039  -0.0060 6   GLY A O   
76 O OXT . GLY A 6 ? 0.0333 0.0259 0.0554 -0.0007 0.0083  -0.0178 6   GLY A OXT 
80 O O   . HOH B . ? 0.0322 0.0545 0.0431 -0.0015 0.0064  -0.0001 101 HOH A O   
81 O O   . HOH B . ? 0.0571 0.0432 0.0849 0.0008  0.0188  -0.0167 102 HOH A O   
82 O O   . HOH B . ? 0.4246 0.5513 0.3110 0.0170  0.0337  0.1444  103 HOH A O   
83 O O   . HOH B . ? 0.0798 0.0455 0.0477 -0.0090 -0.0007 -0.0069 104 HOH A O   
# 
